data_3DJM
#
_entry.id   3DJM
#
_cell.length_a   66.403
_cell.length_b   93.087
_cell.length_c   128.016
_cell.angle_alpha   90.000
_cell.angle_beta   90.000
_cell.angle_gamma   90.000
#
_symmetry.space_group_name_H-M   'P 21 21 21'
#
loop_
_entity.id
_entity.type
_entity.pdbx_description
1 polymer 'Uncharacterized Protein DUF427'
2 non-polymer 1,2-ETHANEDIOL
3 water water
#
_entity_poly.entity_id   1
_entity_poly.type   'polypeptide(L)'
_entity_poly.pdbx_seq_one_letter_code
;G(MSE)Q(MSE)NNHIRLRKAEGKWVIRTDSAVLGETLNAIELTEGSRDPVIYFPREDVA(MSE)V(MSE)FDKSEKVTA
CPLKGEASYYSIVGASGTLKDAAWSYESPKEGLEAIAGYLAFAPDCTKVGQY
;
_entity_poly.pdbx_strand_id   A,B,C,D,E
#
loop_
_chem_comp.id
_chem_comp.type
_chem_comp.name
_chem_comp.formula
EDO non-polymer 1,2-ETHANEDIOL 'C2 H6 O2'
#
# COMPACT_ATOMS: atom_id res chain seq x y z
N MSE A 4 -20.23 12.57 -39.56
CA MSE A 4 -18.93 12.87 -40.22
C MSE A 4 -17.83 12.78 -39.16
O MSE A 4 -17.09 13.74 -38.93
CB MSE A 4 -18.94 14.26 -40.90
CG MSE A 4 -19.87 14.43 -42.14
SE MSE A 4 -19.41 13.33 -43.75
CE MSE A 4 -17.42 13.55 -43.80
N ASN A 5 -17.73 11.62 -38.50
CA ASN A 5 -16.78 11.43 -37.41
C ASN A 5 -15.32 11.34 -37.90
N ASN A 6 -14.46 12.22 -37.37
CA ASN A 6 -13.02 11.96 -37.31
C ASN A 6 -12.93 10.94 -36.20
N HIS A 7 -11.79 10.30 -36.03
CA HIS A 7 -11.80 9.20 -35.10
C HIS A 7 -10.88 9.41 -33.91
N ILE A 8 -10.88 10.62 -33.34
CA ILE A 8 -9.94 10.90 -32.27
C ILE A 8 -10.57 10.79 -30.90
N ARG A 9 -10.04 9.88 -30.09
CA ARG A 9 -10.43 9.73 -28.70
C ARG A 9 -9.30 10.25 -27.75
N LEU A 10 -9.67 11.09 -26.78
CA LEU A 10 -8.76 11.56 -25.73
C LEU A 10 -9.21 11.05 -24.37
N ARG A 11 -8.32 10.37 -23.66
CA ARG A 11 -8.60 9.89 -22.30
C ARG A 11 -7.48 10.33 -21.38
N LYS A 12 -7.77 10.39 -20.09
CA LYS A 12 -6.76 10.61 -19.10
C LYS A 12 -5.99 9.31 -19.01
N ALA A 13 -4.67 9.38 -19.10
CA ALA A 13 -3.82 8.22 -18.91
C ALA A 13 -3.77 7.94 -17.42
N GLU A 14 -4.16 6.73 -17.03
CA GLU A 14 -4.28 6.42 -15.61
C GLU A 14 -2.93 6.13 -14.95
N GLY A 15 -2.73 6.65 -13.74
CA GLY A 15 -1.52 6.39 -12.99
C GLY A 15 -0.36 7.29 -13.39
N LYS A 16 0.84 6.89 -13.00
CA LYS A 16 2.05 7.67 -13.24
C LYS A 16 2.66 7.23 -14.54
N TRP A 17 2.86 8.17 -15.44
CA TRP A 17 3.50 7.87 -16.71
C TRP A 17 4.84 8.58 -16.80
N VAL A 18 5.79 7.87 -17.40
CA VAL A 18 7.17 8.29 -17.48
C VAL A 18 7.65 8.32 -18.94
N ILE A 19 8.52 9.27 -19.23
CA ILE A 19 9.23 9.36 -20.50
C ILE A 19 10.72 9.36 -20.16
N ARG A 20 11.47 8.54 -20.87
CA ARG A 20 12.92 8.47 -20.62
C ARG A 20 13.68 8.02 -21.85
N THR A 21 14.98 8.15 -21.77
CA THR A 21 15.90 7.65 -22.76
C THR A 21 16.55 6.46 -22.07
N ASP A 22 17.57 5.92 -22.70
CA ASP A 22 18.34 4.85 -22.11
C ASP A 22 19.26 5.33 -20.99
N SER A 23 19.33 6.64 -20.80
CA SER A 23 20.25 7.19 -19.82
C SER A 23 19.77 8.32 -18.91
N ALA A 24 18.53 8.78 -19.10
CA ALA A 24 18.01 9.87 -18.31
C ALA A 24 16.49 9.80 -18.28
N VAL A 25 15.89 10.33 -17.22
CA VAL A 25 14.43 10.44 -17.08
C VAL A 25 14.03 11.88 -17.45
N LEU A 26 13.25 12.02 -18.50
CA LEU A 26 12.88 13.35 -19.00
C LEU A 26 11.56 13.84 -18.47
N GLY A 27 10.71 12.93 -17.97
CA GLY A 27 9.38 13.33 -17.47
C GLY A 27 8.59 12.27 -16.73
N GLU A 28 7.87 12.72 -15.69
CA GLU A 28 6.93 11.95 -14.87
C GLU A 28 5.65 12.76 -14.75
N THR A 29 4.50 12.15 -14.96
CA THR A 29 3.27 12.89 -14.79
C THR A 29 2.11 12.03 -14.33
N LEU A 30 1.20 12.65 -13.59
CA LEU A 30 -0.06 12.01 -13.21
C LEU A 30 -1.19 12.52 -14.10
N ASN A 31 -0.86 13.32 -15.11
CA ASN A 31 -1.87 13.94 -15.97
C ASN A 31 -1.58 13.79 -17.44
N ALA A 32 -1.00 12.65 -17.81
CA ALA A 32 -0.80 12.37 -19.23
C ALA A 32 -2.17 12.20 -19.91
N ILE A 33 -2.24 12.52 -21.19
CA ILE A 33 -3.45 12.35 -21.99
C ILE A 33 -3.14 11.33 -23.08
N GLU A 34 -4.02 10.35 -23.24
CA GLU A 34 -3.88 9.32 -24.26
C GLU A 34 -4.72 9.70 -25.46
N LEU A 35 -4.09 9.77 -26.62
CA LEU A 35 -4.78 10.13 -27.84
C LEU A 35 -4.73 8.95 -28.80
N THR A 36 -5.91 8.46 -29.19
CA THR A 36 -5.99 7.35 -30.13
C THR A 36 -6.75 7.84 -31.35
N GLU A 37 -6.14 7.71 -32.53
CA GLU A 37 -6.81 8.08 -33.81
C GLU A 37 -7.12 6.80 -34.58
N GLY A 38 -8.39 6.45 -34.64
CA GLY A 38 -8.79 5.22 -35.28
C GLY A 38 -8.17 4.07 -34.53
N SER A 39 -7.72 3.08 -35.28
CA SER A 39 -7.15 1.87 -34.71
C SER A 39 -5.61 1.91 -34.65
N ARG A 40 -5.06 3.11 -34.74
CA ARG A 40 -3.62 3.34 -34.50
C ARG A 40 -3.25 3.12 -33.05
N ASP A 41 -1.98 2.86 -32.80
CA ASP A 41 -1.52 2.76 -31.43
C ASP A 41 -1.73 4.12 -30.78
N PRO A 42 -2.18 4.09 -29.52
CA PRO A 42 -2.35 5.36 -28.82
C PRO A 42 -1.00 6.06 -28.65
N VAL A 43 -1.04 7.39 -28.60
CA VAL A 43 0.15 8.24 -28.40
C VAL A 43 -0.06 8.94 -27.06
N ILE A 44 0.95 8.94 -26.18
CA ILE A 44 0.80 9.62 -24.88
C ILE A 44 1.33 11.05 -24.93
N TYR A 45 0.52 12.00 -24.48
CA TYR A 45 0.92 13.40 -24.45
C TYR A 45 1.17 13.84 -23.02
N PHE A 46 2.36 14.42 -22.80
CA PHE A 46 2.78 14.88 -21.46
C PHE A 46 2.66 16.39 -21.29
N PRO A 47 2.14 16.84 -20.13
CA PRO A 47 2.10 18.28 -19.94
C PRO A 47 3.51 18.85 -19.78
N ARG A 48 3.72 20.01 -20.40
CA ARG A 48 5.05 20.60 -20.53
C ARG A 48 5.70 20.83 -19.18
N GLU A 49 4.90 21.28 -18.21
CA GLU A 49 5.41 21.56 -16.86
C GLU A 49 6.03 20.34 -16.22
N ASP A 50 5.70 19.15 -16.71
CA ASP A 50 6.20 17.91 -16.12
C ASP A 50 7.38 17.28 -16.87
N VAL A 51 7.83 17.94 -17.93
CA VAL A 51 8.96 17.53 -18.77
C VAL A 51 10.18 18.43 -18.51
N ALA A 52 11.38 17.85 -18.49
CA ALA A 52 12.62 18.60 -18.23
C ALA A 52 13.07 19.36 -19.47
N MSE A 53 12.32 20.42 -19.79
CA MSE A 53 12.47 21.17 -21.01
C MSE A 53 13.85 21.78 -21.16
O MSE A 53 14.28 22.10 -22.25
CB MSE A 53 11.38 22.26 -21.11
CG MSE A 53 9.99 21.66 -21.30
SE MSE A 53 9.89 20.58 -22.88
CE MSE A 53 9.85 22.18 -24.20
N VAL A 54 14.58 21.94 -20.06
CA VAL A 54 15.90 22.50 -20.21
C VAL A 54 16.74 21.68 -21.20
N MSE A 55 16.45 20.38 -21.34
CA MSE A 55 17.19 19.53 -22.31
C MSE A 55 16.68 19.58 -23.76
O MSE A 55 17.13 18.76 -24.56
CB MSE A 55 17.15 18.04 -21.89
CG MSE A 55 17.50 17.77 -20.44
SE MSE A 55 19.19 18.53 -19.95
CE MSE A 55 20.44 17.13 -20.49
N PHE A 56 15.76 20.49 -24.09
CA PHE A 56 15.11 20.52 -25.41
C PHE A 56 15.43 21.75 -26.25
N ASP A 57 15.65 21.58 -27.55
CA ASP A 57 15.86 22.72 -28.46
C ASP A 57 14.74 22.71 -29.52
N LYS A 58 13.97 23.80 -29.65
CA LYS A 58 12.93 23.88 -30.69
C LYS A 58 13.62 23.69 -32.03
N SER A 59 12.98 22.95 -32.91
CA SER A 59 13.51 22.61 -34.21
C SER A 59 12.86 23.45 -35.29
N GLU A 60 13.50 23.50 -36.47
CA GLU A 60 12.91 24.12 -37.65
C GLU A 60 11.72 23.32 -38.21
N LYS A 61 11.76 21.99 -38.05
CA LYS A 61 10.74 21.11 -38.63
C LYS A 61 9.34 21.44 -38.10
N VAL A 62 8.37 21.39 -39.02
CA VAL A 62 6.97 21.39 -38.63
C VAL A 62 6.27 20.37 -39.51
N THR A 63 5.16 19.80 -39.05
CA THR A 63 4.31 18.97 -39.88
C THR A 63 2.88 19.39 -39.66
N ALA A 64 2.04 19.24 -40.68
CA ALA A 64 0.63 19.61 -40.59
C ALA A 64 -0.21 18.34 -40.48
N CYS A 65 -1.15 18.33 -39.55
CA CYS A 65 -2.13 17.27 -39.45
C CYS A 65 -3.52 17.89 -39.56
N PRO A 66 -4.35 17.44 -40.53
CA PRO A 66 -5.64 18.06 -40.83
C PRO A 66 -6.57 18.13 -39.63
N LEU A 67 -6.49 17.12 -38.78
CA LEU A 67 -7.34 17.04 -37.62
C LEU A 67 -6.80 17.80 -36.41
N LYS A 68 -5.49 17.71 -36.15
CA LYS A 68 -4.89 18.28 -34.91
C LYS A 68 -4.29 19.68 -35.09
N GLY A 69 -3.74 19.97 -36.26
CA GLY A 69 -3.08 21.26 -36.51
C GLY A 69 -1.60 21.12 -36.80
N GLU A 70 -0.82 22.15 -36.47
CA GLU A 70 0.60 22.16 -36.76
C GLU A 70 1.47 21.60 -35.60
N ALA A 71 2.24 20.56 -35.89
CA ALA A 71 3.14 19.97 -34.90
C ALA A 71 4.49 20.70 -34.91
N SER A 72 4.88 21.27 -33.76
CA SER A 72 6.22 21.83 -33.59
C SER A 72 7.08 20.70 -33.06
N TYR A 73 8.34 20.67 -33.49
CA TYR A 73 9.26 19.63 -33.09
C TYR A 73 10.36 20.16 -32.18
N TYR A 74 10.96 19.22 -31.42
CA TYR A 74 12.06 19.52 -30.52
C TYR A 74 13.10 18.42 -30.57
N SER A 75 14.35 18.83 -30.42
CA SER A 75 15.45 17.93 -30.31
C SER A 75 15.80 17.79 -28.83
N ILE A 76 16.24 16.62 -28.42
CA ILE A 76 16.56 16.37 -27.01
C ILE A 76 18.05 16.10 -26.88
N VAL A 77 18.72 16.80 -25.98
CA VAL A 77 20.14 16.59 -25.81
C VAL A 77 20.35 15.66 -24.62
N GLY A 78 21.32 14.76 -24.75
CA GLY A 78 21.64 13.83 -23.67
C GLY A 78 23.12 13.44 -23.69
N ALA A 79 23.49 12.50 -22.84
CA ALA A 79 24.87 12.03 -22.70
C ALA A 79 25.45 11.59 -24.02
N SER A 80 24.65 10.94 -24.84
CA SER A 80 25.14 10.40 -26.10
C SER A 80 25.05 11.37 -27.28
N GLY A 81 24.40 12.51 -27.10
CA GLY A 81 24.26 13.43 -28.22
C GLY A 81 22.82 13.84 -28.36
N THR A 82 22.54 14.46 -29.50
CA THR A 82 21.23 14.99 -29.80
C THR A 82 20.31 13.92 -30.37
N LEU A 83 19.07 13.87 -29.88
CA LEU A 83 18.02 13.10 -30.50
C LEU A 83 17.23 14.07 -31.32
N LYS A 84 17.55 14.08 -32.61
CA LYS A 84 17.00 15.05 -33.53
C LYS A 84 15.48 14.88 -33.69
N ASP A 85 14.75 15.97 -33.51
CA ASP A 85 13.31 15.99 -33.76
C ASP A 85 12.56 14.83 -33.05
N ALA A 86 13.04 14.43 -31.87
CA ALA A 86 12.50 13.26 -31.18
C ALA A 86 11.23 13.57 -30.36
N ALA A 87 10.82 14.82 -30.27
CA ALA A 87 9.58 15.13 -29.57
C ALA A 87 8.81 16.15 -30.33
N TRP A 88 7.50 16.16 -30.15
CA TRP A 88 6.68 17.17 -30.82
C TRP A 88 5.54 17.67 -29.93
N SER A 89 4.91 18.77 -30.34
CA SER A 89 3.80 19.33 -29.63
C SER A 89 2.88 20.16 -30.54
N TYR A 90 1.58 19.97 -30.32
CA TYR A 90 0.57 20.78 -30.98
C TYR A 90 0.33 22.01 -30.09
N GLU A 91 1.04 23.09 -30.41
CA GLU A 91 1.08 24.27 -29.54
C GLU A 91 -0.14 25.17 -29.71
N SER A 92 -0.82 25.06 -30.86
CA SER A 92 -2.11 25.74 -31.12
C SER A 92 -3.11 24.77 -31.79
N PRO A 93 -3.63 23.82 -31.02
CA PRO A 93 -4.35 22.73 -31.65
C PRO A 93 -5.66 23.19 -32.26
N LYS A 94 -6.12 22.43 -33.25
CA LYS A 94 -7.42 22.66 -33.90
C LYS A 94 -8.56 22.39 -32.92
N GLU A 95 -9.76 22.84 -33.28
CA GLU A 95 -10.88 22.79 -32.34
C GLU A 95 -11.19 21.36 -31.91
N GLY A 96 -11.43 21.19 -30.61
CA GLY A 96 -11.72 19.90 -30.03
C GLY A 96 -10.51 19.24 -29.38
N LEU A 97 -9.32 19.70 -29.74
CA LEU A 97 -8.09 19.11 -29.21
C LEU A 97 -7.30 20.04 -28.28
N GLU A 98 -7.97 21.02 -27.68
CA GLU A 98 -7.28 22.02 -26.87
C GLU A 98 -6.71 21.44 -25.58
N ALA A 99 -7.21 20.27 -25.19
CA ALA A 99 -6.73 19.58 -24.00
C ALA A 99 -5.24 19.22 -24.05
N ILE A 100 -4.70 19.00 -25.26
CA ILE A 100 -3.28 18.69 -25.45
C ILE A 100 -2.42 19.88 -25.89
N ALA A 101 -2.94 21.10 -25.78
CA ALA A 101 -2.21 22.28 -26.21
C ALA A 101 -0.90 22.37 -25.45
N GLY A 102 0.19 22.37 -26.19
CA GLY A 102 1.53 22.52 -25.57
C GLY A 102 2.10 21.27 -24.94
N TYR A 103 1.35 20.17 -24.93
CA TYR A 103 1.85 18.92 -24.39
C TYR A 103 2.85 18.31 -25.38
N LEU A 104 3.76 17.53 -24.86
CA LEU A 104 4.79 16.87 -25.66
C LEU A 104 4.48 15.38 -25.84
N ALA A 105 4.73 14.86 -27.04
CA ALA A 105 4.68 13.43 -27.30
C ALA A 105 6.06 13.06 -27.86
N PHE A 106 6.38 11.77 -27.88
CA PHE A 106 7.77 11.32 -28.13
C PHE A 106 7.96 10.16 -29.10
N ALA A 107 9.02 10.27 -29.91
CA ALA A 107 9.37 9.26 -30.92
C ALA A 107 9.84 7.98 -30.20
N PRO A 108 9.15 6.85 -30.42
CA PRO A 108 9.56 5.59 -29.78
C PRO A 108 10.86 4.96 -30.26
N ASP A 109 11.39 5.40 -31.39
CA ASP A 109 12.65 4.80 -31.88
C ASP A 109 13.83 5.11 -30.95
N CYS A 110 13.71 6.16 -30.12
CA CYS A 110 14.80 6.57 -29.26
C CYS A 110 14.38 7.04 -27.86
N THR A 111 13.10 6.89 -27.52
CA THR A 111 12.65 7.14 -26.16
C THR A 111 11.74 6.02 -25.76
N LYS A 112 11.54 5.85 -24.45
CA LYS A 112 10.59 4.92 -23.91
C LYS A 112 9.59 5.63 -23.04
N VAL A 113 8.32 5.31 -23.29
CA VAL A 113 7.17 5.89 -22.61
C VAL A 113 6.38 4.75 -22.03
N GLY A 114 5.87 4.89 -20.84
CA GLY A 114 5.16 3.79 -20.19
C GLY A 114 4.66 4.13 -18.80
N GLN A 115 3.73 3.32 -18.32
CA GLN A 115 3.14 3.50 -17.01
C GLN A 115 4.10 2.93 -16.00
N TYR A 116 4.25 3.60 -14.85
CA TYR A 116 5.15 3.15 -13.78
C TYR A 116 4.51 2.04 -13.00
N MSE B 2 -18.89 -52.60 7.28
CA MSE B 2 -20.13 -52.93 6.49
C MSE B 2 -20.75 -51.74 5.74
O MSE B 2 -20.67 -51.71 4.52
CB MSE B 2 -21.19 -53.57 7.39
CG MSE B 2 -21.40 -55.07 7.18
SE MSE B 2 -23.29 -55.62 7.47
CE MSE B 2 -24.27 -54.16 6.29
N GLN B 3 -21.38 -50.81 6.48
CA GLN B 3 -21.91 -49.55 5.94
C GLN B 3 -20.78 -48.48 5.96
N MSE B 4 -20.05 -48.39 4.84
CA MSE B 4 -18.79 -47.59 4.68
C MSE B 4 -18.86 -46.10 5.07
O MSE B 4 -19.28 -45.24 4.27
CB MSE B 4 -18.30 -47.65 3.23
CG MSE B 4 -18.00 -49.03 2.72
SE MSE B 4 -17.30 -48.97 0.94
CE MSE B 4 -17.83 -47.08 0.40
N ASN B 5 -18.38 -45.81 6.27
CA ASN B 5 -18.51 -44.47 6.82
C ASN B 5 -17.32 -43.50 6.49
N ASN B 6 -17.70 -42.28 6.08
CA ASN B 6 -16.84 -41.12 6.27
C ASN B 6 -16.64 -41.19 7.77
N HIS B 7 -15.46 -40.91 8.26
CA HIS B 7 -15.31 -41.07 9.71
C HIS B 7 -15.78 -39.80 10.45
N ILE B 8 -16.85 -39.14 9.98
CA ILE B 8 -17.18 -37.85 10.55
C ILE B 8 -18.26 -37.94 11.61
N ARG B 9 -17.92 -37.50 12.81
CA ARG B 9 -18.87 -37.35 13.89
C ARG B 9 -19.16 -35.86 14.16
N LEU B 10 -20.45 -35.50 14.30
CA LEU B 10 -20.89 -34.16 14.72
C LEU B 10 -21.56 -34.22 16.08
N ARG B 11 -21.09 -33.42 17.02
CA ARG B 11 -21.71 -33.27 18.35
C ARG B 11 -21.96 -31.82 18.68
N LYS B 12 -22.94 -31.59 19.55
CA LYS B 12 -23.15 -30.28 20.08
C LYS B 12 -21.99 -30.05 21.06
N ALA B 13 -21.27 -28.93 20.90
CA ALA B 13 -20.22 -28.54 21.81
C ALA B 13 -20.85 -28.03 23.11
N GLU B 14 -20.57 -28.67 24.23
CA GLU B 14 -21.30 -28.36 25.47
C GLU B 14 -20.81 -27.07 26.12
N GLY B 15 -21.74 -26.26 26.62
CA GLY B 15 -21.38 -25.05 27.33
C GLY B 15 -21.11 -23.90 26.40
N LYS B 16 -20.45 -22.87 26.92
CA LYS B 16 -20.15 -21.65 26.19
C LYS B 16 -18.79 -21.78 25.55
N TRP B 17 -18.72 -21.61 24.24
CA TRP B 17 -17.48 -21.71 23.48
C TRP B 17 -17.10 -20.34 22.91
N VAL B 18 -15.80 -20.03 22.96
CA VAL B 18 -15.28 -18.73 22.58
C VAL B 18 -14.21 -18.85 21.49
N ILE B 19 -14.20 -17.88 20.58
CA ILE B 19 -13.11 -17.73 19.62
C ILE B 19 -12.56 -16.33 19.80
N ARG B 20 -11.23 -16.23 19.89
CA ARG B 20 -10.56 -14.97 20.09
C ARG B 20 -9.18 -14.96 19.47
N THR B 21 -8.61 -13.75 19.38
CA THR B 21 -7.23 -13.57 19.03
C THR B 21 -6.53 -13.20 20.33
N ASP B 22 -5.29 -12.73 20.23
CA ASP B 22 -4.57 -12.25 21.39
C ASP B 22 -4.97 -10.84 21.81
N SER B 23 -5.93 -10.21 21.12
CA SER B 23 -6.34 -8.85 21.45
C SER B 23 -7.82 -8.51 21.29
N ALA B 24 -8.65 -9.46 20.89
CA ALA B 24 -10.09 -9.22 20.67
C ALA B 24 -10.86 -10.52 20.79
N VAL B 25 -12.14 -10.41 21.17
CA VAL B 25 -13.03 -11.57 21.22
C VAL B 25 -13.87 -11.55 19.94
N LEU B 26 -13.80 -12.60 19.14
CA LEU B 26 -14.51 -12.62 17.86
C LEU B 26 -15.84 -13.36 17.92
N GLY B 27 -16.03 -14.21 18.94
CA GLY B 27 -17.26 -14.98 19.04
C GLY B 27 -17.47 -15.75 20.33
N GLU B 28 -18.74 -15.77 20.78
CA GLU B 28 -19.22 -16.53 21.93
C GLU B 28 -20.45 -17.29 21.45
N THR B 29 -20.56 -18.58 21.73
CA THR B 29 -21.75 -19.32 21.36
C THR B 29 -22.11 -20.44 22.34
N LEU B 30 -23.41 -20.69 22.46
CA LEU B 30 -23.92 -21.85 23.18
C LEU B 30 -24.31 -22.97 22.22
N ASN B 31 -24.06 -22.76 20.92
CA ASN B 31 -24.45 -23.72 19.90
C ASN B 31 -23.34 -24.07 18.93
N ALA B 32 -22.12 -24.18 19.44
CA ALA B 32 -21.01 -24.65 18.64
C ALA B 32 -21.25 -26.10 18.29
N ILE B 33 -20.71 -26.52 17.15
CA ILE B 33 -20.75 -27.91 16.72
C ILE B 33 -19.33 -28.45 16.64
N GLU B 34 -19.11 -29.62 17.24
CA GLU B 34 -17.79 -30.24 17.24
C GLU B 34 -17.77 -31.29 16.15
N LEU B 35 -16.80 -31.16 15.24
CA LEU B 35 -16.63 -32.08 14.12
C LEU B 35 -15.32 -32.87 14.29
N THR B 36 -15.42 -34.19 14.38
CA THR B 36 -14.23 -35.02 14.48
C THR B 36 -14.22 -35.94 13.28
N GLU B 37 -13.11 -35.90 12.53
CA GLU B 37 -12.90 -36.76 11.36
C GLU B 37 -11.82 -37.76 11.71
N GLY B 38 -12.22 -38.98 12.01
CA GLY B 38 -11.27 -39.99 12.42
C GLY B 38 -10.64 -39.59 13.72
N SER B 39 -9.36 -39.90 13.88
CA SER B 39 -8.68 -39.63 15.14
C SER B 39 -7.93 -38.30 15.11
N ARG B 40 -8.28 -37.44 14.17
CA ARG B 40 -7.81 -36.07 14.20
C ARG B 40 -8.37 -35.35 15.40
N ASP B 41 -7.71 -34.25 15.74
CA ASP B 41 -8.23 -33.32 16.73
C ASP B 41 -9.53 -32.73 16.23
N PRO B 42 -10.54 -32.66 17.12
CA PRO B 42 -11.84 -32.10 16.74
C PRO B 42 -11.70 -30.64 16.33
N VAL B 43 -12.56 -30.18 15.42
CA VAL B 43 -12.58 -28.80 14.95
C VAL B 43 -13.93 -28.19 15.35
N ILE B 44 -13.91 -27.01 15.97
CA ILE B 44 -15.15 -26.37 16.47
C ILE B 44 -15.74 -25.41 15.45
N TYR B 45 -17.02 -25.58 15.14
CA TYR B 45 -17.71 -24.74 14.17
C TYR B 45 -18.69 -23.82 14.88
N PHE B 46 -18.52 -22.51 14.64
CA PHE B 46 -19.32 -21.48 15.27
C PHE B 46 -20.41 -20.99 14.36
N PRO B 47 -21.64 -20.88 14.85
CA PRO B 47 -22.68 -20.29 13.99
C PRO B 47 -22.38 -18.83 13.66
N ARG B 48 -22.61 -18.46 12.40
CA ARG B 48 -22.21 -17.16 11.88
C ARG B 48 -22.82 -16.00 12.64
N GLU B 49 -24.06 -16.15 13.07
CA GLU B 49 -24.76 -15.08 13.79
C GLU B 49 -24.11 -14.75 15.14
N ASP B 50 -23.25 -15.64 15.63
CA ASP B 50 -22.58 -15.45 16.90
C ASP B 50 -21.13 -14.99 16.74
N VAL B 51 -20.68 -14.77 15.51
CA VAL B 51 -19.32 -14.28 15.23
C VAL B 51 -19.39 -12.84 14.73
N ALA B 52 -18.41 -12.00 15.10
CA ALA B 52 -18.44 -10.58 14.72
C ALA B 52 -17.92 -10.42 13.29
N MSE B 53 -18.77 -10.79 12.36
CA MSE B 53 -18.40 -10.86 10.95
C MSE B 53 -17.99 -9.51 10.36
O MSE B 53 -17.37 -9.49 9.29
CB MSE B 53 -19.54 -11.53 10.15
CG MSE B 53 -19.82 -13.00 10.53
SE MSE B 53 -18.28 -14.10 10.11
CE MSE B 53 -18.29 -13.73 8.23
N VAL B 54 -18.31 -8.42 11.02
CA VAL B 54 -17.89 -7.12 10.55
C VAL B 54 -16.39 -7.07 10.38
N MSE B 55 -15.65 -7.88 11.14
CA MSE B 55 -14.17 -7.91 11.06
C MSE B 55 -13.61 -8.86 9.97
O MSE B 55 -12.38 -9.04 9.88
CB MSE B 55 -13.55 -8.32 12.41
CG MSE B 55 -14.06 -7.57 13.63
SE MSE B 55 -13.94 -5.65 13.47
CE MSE B 55 -12.05 -5.40 13.70
N PHE B 56 -14.49 -9.45 9.16
CA PHE B 56 -14.07 -10.53 8.24
C PHE B 56 -14.20 -10.10 6.79
N ASP B 57 -13.23 -10.47 5.95
CA ASP B 57 -13.27 -10.21 4.53
C ASP B 57 -13.20 -11.54 3.78
N LYS B 58 -14.18 -11.83 2.93
CA LYS B 58 -14.18 -13.08 2.15
C LYS B 58 -12.93 -13.09 1.28
N SER B 59 -12.26 -14.22 1.22
CA SER B 59 -11.02 -14.35 0.49
C SER B 59 -11.21 -15.06 -0.85
N GLU B 60 -10.22 -14.95 -1.73
CA GLU B 60 -10.23 -15.66 -3.02
C GLU B 60 -10.03 -17.17 -2.82
N LYS B 61 -9.29 -17.54 -1.78
CA LYS B 61 -8.92 -18.94 -1.52
C LYS B 61 -10.16 -19.82 -1.34
N VAL B 62 -10.11 -21.01 -1.94
CA VAL B 62 -11.07 -22.07 -1.67
C VAL B 62 -10.30 -23.39 -1.60
N THR B 63 -10.83 -24.35 -0.86
CA THR B 63 -10.28 -25.70 -0.88
C THR B 63 -11.44 -26.67 -0.98
N ALA B 64 -11.15 -27.81 -1.59
CA ALA B 64 -12.14 -28.87 -1.75
C ALA B 64 -11.85 -29.96 -0.74
N CYS B 65 -12.85 -30.33 0.01
CA CYS B 65 -12.77 -31.49 0.86
C CYS B 65 -13.75 -32.50 0.26
N PRO B 66 -13.30 -33.75 0.04
CA PRO B 66 -14.20 -34.70 -0.62
C PRO B 66 -15.41 -35.07 0.23
N LEU B 67 -15.27 -35.00 1.54
CA LEU B 67 -16.36 -35.38 2.40
C LEU B 67 -17.30 -34.24 2.68
N LYS B 68 -16.75 -33.05 2.87
CA LYS B 68 -17.54 -31.88 3.35
C LYS B 68 -18.01 -30.93 2.24
N GLY B 69 -17.21 -30.78 1.19
CA GLY B 69 -17.52 -29.86 0.12
C GLY B 69 -16.48 -28.77 -0.04
N GLU B 70 -16.91 -27.60 -0.50
CA GLU B 70 -15.99 -26.49 -0.73
C GLU B 70 -15.90 -25.57 0.48
N ALA B 71 -14.68 -25.36 0.95
CA ALA B 71 -14.43 -24.44 2.04
C ALA B 71 -14.15 -23.05 1.47
N SER B 72 -14.96 -22.06 1.89
CA SER B 72 -14.69 -20.65 1.62
C SER B 72 -13.86 -20.10 2.77
N TYR B 73 -12.92 -19.22 2.45
CA TYR B 73 -12.02 -18.67 3.45
C TYR B 73 -12.30 -17.20 3.71
N TYR B 74 -11.88 -16.77 4.90
CA TYR B 74 -12.04 -15.39 5.32
C TYR B 74 -10.78 -14.89 6.04
N SER B 75 -10.45 -13.63 5.78
CA SER B 75 -9.38 -12.96 6.49
C SER B 75 -9.99 -12.12 7.61
N ILE B 76 -9.32 -12.06 8.76
CA ILE B 76 -9.81 -11.34 9.92
C ILE B 76 -8.94 -10.12 10.14
N VAL B 77 -9.53 -8.94 10.30
CA VAL B 77 -8.74 -7.75 10.54
C VAL B 77 -8.79 -7.47 12.04
N GLY B 78 -7.67 -7.02 12.59
CA GLY B 78 -7.56 -6.64 14.01
C GLY B 78 -6.53 -5.55 14.23
N ALA B 79 -6.26 -5.27 15.49
CA ALA B 79 -5.30 -4.22 15.88
C ALA B 79 -3.93 -4.39 15.23
N SER B 80 -3.47 -5.63 15.12
CA SER B 80 -2.14 -5.95 14.57
C SER B 80 -2.08 -6.05 13.06
N GLY B 81 -3.23 -6.12 12.40
CA GLY B 81 -3.27 -6.27 10.96
C GLY B 81 -4.20 -7.39 10.59
N THR B 82 -4.03 -7.87 9.37
CA THR B 82 -4.87 -8.91 8.82
C THR B 82 -4.35 -10.26 9.21
N LEU B 83 -5.24 -11.14 9.62
CA LEU B 83 -4.94 -12.56 9.72
C LEU B 83 -5.50 -13.16 8.43
N LYS B 84 -4.60 -13.39 7.47
CA LYS B 84 -4.99 -13.81 6.15
C LYS B 84 -5.53 -15.25 6.16
N ASP B 85 -6.71 -15.44 5.59
CA ASP B 85 -7.32 -16.76 5.43
C ASP B 85 -7.33 -17.57 6.72
N ALA B 86 -7.60 -16.89 7.84
CA ALA B 86 -7.55 -17.50 9.16
C ALA B 86 -8.84 -18.22 9.57
N ALA B 87 -9.91 -18.05 8.80
CA ALA B 87 -11.17 -18.76 9.11
C ALA B 87 -11.76 -19.33 7.84
N TRP B 88 -12.59 -20.35 8.00
CA TRP B 88 -13.24 -20.92 6.85
C TRP B 88 -14.66 -21.36 7.16
N SER B 89 -15.42 -21.63 6.10
CA SER B 89 -16.79 -22.10 6.23
C SER B 89 -17.22 -22.92 5.04
N TYR B 90 -17.91 -24.02 5.33
CA TYR B 90 -18.56 -24.82 4.33
C TYR B 90 -19.93 -24.23 4.16
N GLU B 91 -20.07 -23.37 3.16
CA GLU B 91 -21.30 -22.62 2.96
C GLU B 91 -22.38 -23.42 2.25
N SER B 92 -21.96 -24.46 1.52
CA SER B 92 -22.90 -25.40 0.86
C SER B 92 -22.44 -26.81 1.06
N PRO B 93 -22.57 -27.30 2.28
CA PRO B 93 -21.93 -28.58 2.60
C PRO B 93 -22.55 -29.75 1.88
N LYS B 94 -21.74 -30.79 1.71
CA LYS B 94 -22.19 -32.06 1.13
C LYS B 94 -23.23 -32.72 2.03
N GLU B 95 -23.91 -33.73 1.48
CA GLU B 95 -25.01 -34.38 2.16
C GLU B 95 -24.56 -34.99 3.49
N GLY B 96 -25.35 -34.76 4.55
CA GLY B 96 -25.05 -35.25 5.90
C GLY B 96 -24.38 -34.22 6.79
N LEU B 97 -23.84 -33.17 6.20
CA LEU B 97 -23.12 -32.14 6.94
C LEU B 97 -23.83 -30.77 6.94
N GLU B 98 -25.13 -30.77 6.68
CA GLU B 98 -25.86 -29.51 6.54
C GLU B 98 -25.94 -28.76 7.88
N ALA B 99 -25.75 -29.46 8.99
CA ALA B 99 -25.78 -28.82 10.31
C ALA B 99 -24.75 -27.69 10.47
N ILE B 100 -23.62 -27.77 9.75
CA ILE B 100 -22.56 -26.76 9.81
C ILE B 100 -22.57 -25.79 8.63
N ALA B 101 -23.67 -25.76 7.88
CA ALA B 101 -23.76 -24.88 6.73
C ALA B 101 -23.60 -23.44 7.18
N GLY B 102 -22.58 -22.76 6.66
CA GLY B 102 -22.34 -21.35 6.97
C GLY B 102 -21.61 -21.08 8.28
N TYR B 103 -21.36 -22.12 9.07
CA TYR B 103 -20.62 -21.95 10.31
C TYR B 103 -19.14 -21.69 10.00
N LEU B 104 -18.48 -21.00 10.93
CA LEU B 104 -17.07 -20.66 10.82
C LEU B 104 -16.21 -21.50 11.75
N ALA B 105 -15.05 -21.95 11.25
CA ALA B 105 -14.00 -22.61 12.03
C ALA B 105 -12.74 -21.77 11.86
N PHE B 106 -11.74 -21.98 12.73
CA PHE B 106 -10.60 -21.08 12.83
C PHE B 106 -9.24 -21.73 12.93
N ALA B 107 -8.26 -21.13 12.27
CA ALA B 107 -6.88 -21.57 12.25
C ALA B 107 -6.28 -21.37 13.61
N PRO B 108 -5.81 -22.45 14.26
CA PRO B 108 -5.16 -22.32 15.59
C PRO B 108 -3.84 -21.58 15.67
N ASP B 109 -3.14 -21.41 14.55
CA ASP B 109 -1.85 -20.73 14.57
C ASP B 109 -1.97 -19.26 15.00
N CYS B 110 -3.16 -18.68 14.90
CA CYS B 110 -3.34 -17.26 15.25
C CYS B 110 -4.67 -16.92 15.93
N THR B 111 -5.42 -17.94 16.30
CA THR B 111 -6.62 -17.76 17.12
C THR B 111 -6.60 -18.78 18.24
N LYS B 112 -7.39 -18.51 19.27
CA LYS B 112 -7.64 -19.52 20.29
C LYS B 112 -9.13 -19.75 20.41
N VAL B 113 -9.47 -21.02 20.47
CA VAL B 113 -10.84 -21.48 20.60
C VAL B 113 -10.88 -22.36 21.84
N GLY B 114 -11.97 -22.29 22.59
CA GLY B 114 -12.06 -23.07 23.82
C GLY B 114 -13.33 -22.85 24.62
N GLN B 115 -13.59 -23.76 25.54
CA GLN B 115 -14.77 -23.66 26.36
C GLN B 115 -14.52 -22.68 27.47
N TYR B 116 -15.54 -21.87 27.81
CA TYR B 116 -15.40 -20.88 28.88
C TYR B 116 -15.53 -21.55 30.23
N HIS C 7 16.92 18.71 33.60
CA HIS C 7 16.81 19.64 32.44
C HIS C 7 16.06 19.00 31.24
N ILE C 8 16.61 17.90 30.74
CA ILE C 8 16.00 17.00 29.76
C ILE C 8 15.17 15.96 30.49
N ARG C 9 13.88 15.86 30.21
CA ARG C 9 13.02 14.81 30.80
C ARG C 9 12.71 13.73 29.72
N LEU C 10 12.86 12.46 30.10
CA LEU C 10 12.49 11.31 29.26
C LEU C 10 11.33 10.55 29.88
N ARG C 11 10.24 10.35 29.13
CA ARG C 11 9.10 9.56 29.58
C ARG C 11 8.74 8.53 28.54
N LYS C 12 8.07 7.47 28.97
CA LYS C 12 7.51 6.51 28.04
C LYS C 12 6.31 7.15 27.39
N ALA C 13 6.28 7.20 26.06
CA ALA C 13 5.13 7.72 25.34
C ALA C 13 4.00 6.70 25.44
N GLU C 14 2.87 7.09 26.01
CA GLU C 14 1.85 6.10 26.26
C GLU C 14 1.03 5.72 25.04
N GLY C 15 0.70 4.42 24.95
CA GLY C 15 -0.13 3.92 23.87
C GLY C 15 0.67 3.62 22.62
N LYS C 16 -0.03 3.56 21.49
CA LYS C 16 0.59 3.25 20.21
C LYS C 16 0.91 4.56 19.51
N TRP C 17 2.17 4.71 19.11
CA TRP C 17 2.63 5.91 18.40
C TRP C 17 3.06 5.54 16.98
N VAL C 18 2.71 6.41 16.05
CA VAL C 18 2.93 6.16 14.63
C VAL C 18 3.74 7.28 14.00
N ILE C 19 4.59 6.89 13.05
CA ILE C 19 5.30 7.85 12.20
C ILE C 19 4.95 7.51 10.76
N ARG C 20 4.55 8.52 10.00
CA ARG C 20 4.16 8.32 8.60
C ARG C 20 4.46 9.54 7.74
N THR C 21 4.33 9.35 6.42
CA THR C 21 4.37 10.42 5.45
C THR C 21 2.93 10.54 4.96
N ASP C 22 2.71 11.32 3.91
CA ASP C 22 1.37 11.44 3.33
C ASP C 22 0.96 10.22 2.53
N SER C 23 1.90 9.29 2.34
CA SER C 23 1.64 8.12 1.47
C SER C 23 2.13 6.75 1.96
N ALA C 24 2.78 6.68 3.12
CA ALA C 24 3.24 5.40 3.66
C ALA C 24 3.37 5.50 5.18
N VAL C 25 3.27 4.36 5.85
CA VAL C 25 3.48 4.28 7.28
C VAL C 25 4.88 3.73 7.53
N LEU C 26 5.72 4.52 8.21
CA LEU C 26 7.13 4.16 8.43
C LEU C 26 7.40 3.49 9.76
N GLY C 27 6.49 3.64 10.73
CA GLY C 27 6.70 3.04 12.05
C GLY C 27 5.49 3.09 12.97
N GLU C 28 5.32 2.00 13.76
CA GLU C 28 4.34 1.86 14.83
C GLU C 28 5.10 1.33 16.01
N THR C 29 4.88 1.89 17.20
CA THR C 29 5.54 1.39 18.39
C THR C 29 4.73 1.58 19.64
N LEU C 30 4.91 0.65 20.59
CA LEU C 30 4.34 0.76 21.92
C LEU C 30 5.41 1.24 22.91
N ASN C 31 6.60 1.51 22.40
CA ASN C 31 7.72 1.87 23.27
C ASN C 31 8.44 3.12 22.81
N ALA C 32 7.68 4.08 22.32
CA ALA C 32 8.22 5.39 21.98
C ALA C 32 8.63 6.09 23.26
N ILE C 33 9.67 6.91 23.16
CA ILE C 33 10.13 7.69 24.31
C ILE C 33 9.95 9.15 23.98
N GLU C 34 9.36 9.88 24.90
CA GLU C 34 9.12 11.31 24.75
C GLU C 34 10.26 12.09 25.43
N LEU C 35 10.93 12.96 24.69
CA LEU C 35 12.01 13.78 25.21
C LEU C 35 11.59 15.23 25.21
N THR C 36 11.60 15.84 26.40
CA THR C 36 11.28 17.25 26.56
C THR C 36 12.52 17.93 27.10
N GLU C 37 13.00 18.96 26.41
CA GLU C 37 14.17 19.73 26.83
C GLU C 37 13.74 21.16 27.16
N GLY C 38 13.87 21.53 28.43
CA GLY C 38 13.44 22.84 28.91
C GLY C 38 11.95 22.96 28.66
N SER C 39 11.52 24.07 28.06
CA SER C 39 10.10 24.25 27.70
C SER C 39 9.85 24.08 26.18
N ARG C 40 10.81 23.46 25.49
CA ARG C 40 10.68 23.18 24.06
C ARG C 40 9.62 22.13 23.86
N ASP C 41 9.09 22.06 22.64
CA ASP C 41 8.13 21.03 22.28
C ASP C 41 8.77 19.66 22.50
N PRO C 42 7.98 18.70 22.99
CA PRO C 42 8.52 17.35 23.11
C PRO C 42 8.82 16.74 21.74
N VAL C 43 9.83 15.87 21.68
CA VAL C 43 10.22 15.15 20.47
C VAL C 43 10.02 13.66 20.76
N ILE C 44 9.40 12.94 19.82
CA ILE C 44 9.16 11.49 20.01
C ILE C 44 10.28 10.67 19.40
N TYR C 45 10.84 9.75 20.17
CA TYR C 45 11.90 8.86 19.66
C TYR C 45 11.35 7.45 19.50
N PHE C 46 11.50 6.90 18.30
CA PHE C 46 11.02 5.57 17.97
C PHE C 46 12.14 4.54 18.00
N PRO C 47 11.92 3.38 18.62
CA PRO C 47 12.95 2.34 18.53
C PRO C 47 13.15 1.84 17.11
N ARG C 48 14.41 1.62 16.76
CA ARG C 48 14.78 1.30 15.39
C ARG C 48 14.09 0.07 14.87
N GLU C 49 13.97 -0.94 15.71
CA GLU C 49 13.35 -2.22 15.34
C GLU C 49 11.88 -2.07 14.93
N ASP C 50 11.29 -0.94 15.27
CA ASP C 50 9.90 -0.64 14.93
C ASP C 50 9.72 0.31 13.75
N VAL C 51 10.82 0.71 13.14
CA VAL C 51 10.80 1.60 11.98
C VAL C 51 11.23 0.81 10.72
N ALA C 52 10.59 1.09 9.57
CA ALA C 52 10.90 0.38 8.30
C ALA C 52 12.20 0.95 7.68
N MSE C 53 13.31 0.57 8.30
CA MSE C 53 14.60 1.11 7.95
C MSE C 53 15.05 0.76 6.54
O MSE C 53 15.95 1.39 6.02
CB MSE C 53 15.66 0.67 8.97
CG MSE C 53 15.42 1.23 10.37
SE MSE C 53 15.61 3.15 10.53
CE MSE C 53 17.28 3.44 9.85
N VAL C 54 14.42 -0.22 5.91
CA VAL C 54 14.75 -0.52 4.53
C VAL C 54 14.60 0.76 3.67
N MSE C 55 13.72 1.69 4.07
CA MSE C 55 13.45 2.91 3.30
C MSE C 55 14.42 4.07 3.59
O MSE C 55 14.25 5.17 3.03
CB MSE C 55 12.02 3.43 3.54
CG MSE C 55 10.88 2.39 3.33
SE MSE C 55 11.08 1.46 1.67
CE MSE C 55 10.35 2.82 0.58
N PHE C 56 15.43 3.83 4.44
CA PHE C 56 16.29 4.88 4.99
C PHE C 56 17.72 4.75 4.52
N ASP C 57 18.34 5.89 4.18
CA ASP C 57 19.75 5.93 3.76
C ASP C 57 20.51 6.87 4.70
N LYS C 58 21.57 6.37 5.33
CA LYS C 58 22.39 7.19 6.24
C LYS C 58 22.99 8.32 5.42
N SER C 59 22.91 9.52 5.98
CA SER C 59 23.37 10.74 5.32
C SER C 59 24.76 11.17 5.78
N GLU C 60 25.40 12.03 4.99
CA GLU C 60 26.66 12.65 5.39
C GLU C 60 26.49 13.65 6.57
N LYS C 61 25.30 14.25 6.68
CA LYS C 61 25.03 15.25 7.70
C LYS C 61 25.13 14.71 9.13
N VAL C 62 25.79 15.48 10.01
CA VAL C 62 25.75 15.26 11.46
C VAL C 62 25.56 16.60 12.13
N THR C 63 25.00 16.59 13.34
CA THR C 63 24.96 17.79 14.17
C THR C 63 25.32 17.40 15.59
N ALA C 64 26.02 18.32 16.26
CA ALA C 64 26.47 18.10 17.62
C ALA C 64 25.52 18.82 18.59
N CYS C 65 25.17 18.08 19.63
CA CYS C 65 24.47 18.66 20.75
C CYS C 65 25.34 18.37 21.98
N PRO C 66 25.64 19.39 22.78
CA PRO C 66 26.45 19.24 24.00
C PRO C 66 25.83 18.36 25.09
N LEU C 67 24.50 18.32 25.15
CA LEU C 67 23.79 17.49 26.13
C LEU C 67 23.60 16.06 25.63
N LYS C 68 23.12 15.93 24.39
CA LYS C 68 22.72 14.63 23.85
C LYS C 68 23.84 13.87 23.12
N GLY C 69 24.71 14.59 22.42
CA GLY C 69 25.79 13.97 21.64
C GLY C 69 25.62 14.23 20.16
N GLU C 70 26.13 13.32 19.34
CA GLU C 70 26.10 13.50 17.89
C GLU C 70 24.87 12.87 17.22
N ALA C 71 24.12 13.71 16.51
CA ALA C 71 22.95 13.23 15.77
C ALA C 71 23.39 12.77 14.37
N SER C 72 23.14 11.50 14.06
CA SER C 72 23.29 11.01 12.70
C SER C 72 21.99 11.22 11.97
N TYR C 73 22.06 11.55 10.68
CA TYR C 73 20.86 11.83 9.90
C TYR C 73 20.62 10.77 8.85
N TYR C 74 19.35 10.64 8.48
CA TYR C 74 18.90 9.66 7.49
C TYR C 74 17.93 10.29 6.52
N SER C 75 18.04 9.92 5.25
CA SER C 75 17.07 10.34 4.24
C SER C 75 16.08 9.18 4.04
N ILE C 76 14.82 9.53 3.76
CA ILE C 76 13.75 8.55 3.60
C ILE C 76 13.29 8.55 2.16
N VAL C 77 13.22 7.37 1.52
CA VAL C 77 12.82 7.29 0.14
C VAL C 77 11.34 6.83 0.06
N GLY C 78 10.55 7.44 -0.81
CA GLY C 78 9.12 7.10 -0.91
C GLY C 78 8.61 7.28 -2.31
N ALA C 79 7.29 7.21 -2.49
CA ALA C 79 6.68 7.36 -3.80
C ALA C 79 7.05 8.66 -4.49
N SER C 80 7.13 9.75 -3.73
CA SER C 80 7.37 11.08 -4.31
C SER C 80 8.83 11.40 -4.47
N GLY C 81 9.71 10.60 -3.90
CA GLY C 81 11.14 10.86 -3.98
C GLY C 81 11.74 10.79 -2.58
N THR C 82 12.90 11.41 -2.43
CA THR C 82 13.63 11.38 -1.21
C THR C 82 13.25 12.53 -0.29
N LEU C 83 13.04 12.24 0.99
CA LEU C 83 12.94 13.26 2.02
C LEU C 83 14.36 13.34 2.61
N LYS C 84 15.09 14.35 2.18
CA LYS C 84 16.50 14.50 2.52
C LYS C 84 16.66 14.85 3.99
N ASP C 85 17.48 14.09 4.70
CA ASP C 85 17.79 14.36 6.09
C ASP C 85 16.54 14.53 6.97
N ALA C 86 15.50 13.74 6.71
CA ALA C 86 14.22 13.90 7.41
C ALA C 86 14.16 13.21 8.76
N ALA C 87 15.13 12.35 9.08
CA ALA C 87 15.15 11.67 10.37
C ALA C 87 16.54 11.70 10.96
N TRP C 88 16.63 11.55 12.27
CA TRP C 88 17.91 11.53 12.94
C TRP C 88 17.91 10.63 14.15
N SER C 89 19.12 10.27 14.61
CA SER C 89 19.30 9.37 15.73
C SER C 89 20.59 9.68 16.46
N TYR C 90 20.51 9.64 17.79
CA TYR C 90 21.68 9.72 18.65
C TYR C 90 22.12 8.29 18.87
N GLU C 91 23.07 7.86 18.04
CA GLU C 91 23.48 6.46 18.02
C GLU C 91 24.44 6.12 19.14
N SER C 92 25.14 7.14 19.69
CA SER C 92 26.01 6.98 20.87
C SER C 92 25.78 8.12 21.82
N PRO C 93 24.66 8.10 22.54
CA PRO C 93 24.26 9.27 23.29
C PRO C 93 25.12 9.52 24.51
N LYS C 94 25.19 10.78 24.92
CA LYS C 94 25.95 11.19 26.09
C LYS C 94 25.31 10.62 27.35
N GLU C 95 26.05 10.67 28.46
CA GLU C 95 25.60 10.00 29.68
C GLU C 95 24.25 10.51 30.17
N GLY C 96 23.37 9.58 30.53
CA GLY C 96 22.05 9.89 31.02
C GLY C 96 20.98 9.70 29.97
N LEU C 97 21.38 9.67 28.70
CA LEU C 97 20.44 9.58 27.59
C LEU C 97 20.51 8.24 26.85
N GLU C 98 21.05 7.22 27.48
CA GLU C 98 21.27 5.95 26.80
C GLU C 98 19.97 5.25 26.38
N ALA C 99 18.86 5.64 27.01
CA ALA C 99 17.55 5.05 26.72
C ALA C 99 17.11 5.27 25.26
N ILE C 100 17.58 6.35 24.63
CA ILE C 100 17.24 6.62 23.22
C ILE C 100 18.34 6.25 22.22
N ALA C 101 19.31 5.47 22.66
CA ALA C 101 20.42 5.07 21.79
C ALA C 101 19.88 4.37 20.54
N GLY C 102 20.16 4.95 19.37
CA GLY C 102 19.77 4.35 18.11
C GLY C 102 18.32 4.60 17.73
N TYR C 103 17.55 5.26 18.59
CA TYR C 103 16.16 5.53 18.27
C TYR C 103 16.12 6.62 17.21
N LEU C 104 15.04 6.65 16.43
CA LEU C 104 14.86 7.65 15.38
C LEU C 104 13.80 8.66 15.80
N ALA C 105 14.05 9.93 15.46
CA ALA C 105 13.08 11.02 15.56
C ALA C 105 12.94 11.65 14.16
N PHE C 106 11.86 12.43 13.94
CA PHE C 106 11.52 12.87 12.59
C PHE C 106 11.18 14.34 12.40
N ALA C 107 11.60 14.89 11.27
CA ALA C 107 11.31 16.30 10.93
C ALA C 107 9.81 16.43 10.61
N PRO C 108 9.10 17.32 11.33
CA PRO C 108 7.64 17.51 11.11
C PRO C 108 7.24 18.20 9.83
N ASP C 109 8.18 18.86 9.15
CA ASP C 109 7.86 19.54 7.88
C ASP C 109 7.41 18.56 6.82
N CYS C 110 7.78 17.28 6.94
CA CYS C 110 7.40 16.32 5.91
C CYS C 110 7.02 14.93 6.44
N THR C 111 6.84 14.80 7.74
CA THR C 111 6.30 13.59 8.32
C THR C 111 5.26 13.97 9.36
N LYS C 112 4.43 13.01 9.72
CA LYS C 112 3.50 13.19 10.81
C LYS C 112 3.74 12.10 11.86
N VAL C 113 3.82 12.52 13.12
CA VAL C 113 4.02 11.64 14.26
C VAL C 113 2.86 11.89 15.19
N GLY C 114 2.35 10.84 15.81
CA GLY C 114 1.20 11.01 16.70
C GLY C 114 0.72 9.72 17.35
N GLN C 115 -0.08 9.88 18.40
CA GLN C 115 -0.65 8.74 19.06
C GLN C 115 -1.85 8.25 18.27
N TYR C 116 -1.99 6.92 18.20
CA TYR C 116 -3.08 6.27 17.48
C TYR C 116 -4.36 6.36 18.29
N ASN D 6 -39.10 16.54 8.82
CA ASN D 6 -38.10 15.46 9.12
C ASN D 6 -37.95 14.49 7.94
N HIS D 7 -37.22 14.93 6.91
CA HIS D 7 -36.78 14.12 5.74
C HIS D 7 -35.51 13.33 6.09
N ILE D 8 -34.54 14.06 6.61
CA ILE D 8 -33.33 13.44 7.15
C ILE D 8 -33.68 13.01 8.57
N ARG D 9 -33.46 11.72 8.86
CA ARG D 9 -33.62 11.22 10.22
C ARG D 9 -32.25 10.86 10.83
N LEU D 10 -32.05 11.27 12.09
CA LEU D 10 -30.85 10.92 12.86
C LEU D 10 -31.22 10.03 14.04
N ARG D 11 -30.58 8.87 14.14
CA ARG D 11 -30.74 7.98 15.29
C ARG D 11 -29.41 7.64 15.90
N LYS D 12 -29.42 7.24 17.17
CA LYS D 12 -28.23 6.70 17.79
C LYS D 12 -28.04 5.28 17.25
N ALA D 13 -26.86 5.00 16.69
CA ALA D 13 -26.52 3.67 16.20
C ALA D 13 -26.34 2.78 17.40
N GLU D 14 -27.13 1.73 17.55
CA GLU D 14 -27.07 0.94 18.78
CA GLU D 14 -27.08 0.94 18.79
C GLU D 14 -25.92 -0.06 18.77
N GLY D 15 -25.29 -0.22 19.93
CA GLY D 15 -24.16 -1.13 20.08
C GLY D 15 -22.82 -0.53 19.69
N LYS D 16 -21.85 -1.40 19.49
CA LYS D 16 -20.49 -0.99 19.13
C LYS D 16 -20.36 -1.00 17.62
N TRP D 17 -19.94 0.12 17.06
CA TRP D 17 -19.76 0.24 15.62
C TRP D 17 -18.32 0.48 15.28
N VAL D 18 -17.87 -0.19 14.22
CA VAL D 18 -16.47 -0.20 13.80
C VAL D 18 -16.28 0.31 12.37
N ILE D 19 -15.18 1.01 12.14
CA ILE D 19 -14.74 1.42 10.81
C ILE D 19 -13.34 0.87 10.62
N ARG D 20 -13.12 0.17 9.51
CA ARG D 20 -11.80 -0.41 9.23
C ARG D 20 -11.50 -0.47 7.75
N THR D 21 -10.24 -0.77 7.45
CA THR D 21 -9.81 -1.07 6.11
C THR D 21 -9.61 -2.58 6.09
N ASP D 22 -9.04 -3.10 5.00
CA ASP D 22 -8.70 -4.51 4.95
C ASP D 22 -7.45 -4.86 5.76
N SER D 23 -6.82 -3.86 6.39
CA SER D 23 -5.57 -4.13 7.14
C SER D 23 -5.38 -3.39 8.45
N ALA D 24 -6.32 -2.53 8.84
CA ALA D 24 -6.21 -1.77 10.08
C ALA D 24 -7.59 -1.32 10.57
N VAL D 25 -7.73 -1.15 11.89
CA VAL D 25 -8.98 -0.69 12.50
C VAL D 25 -8.81 0.78 12.75
N LEU D 26 -9.67 1.59 12.15
CA LEU D 26 -9.54 3.04 12.26
C LEU D 26 -10.43 3.62 13.37
N GLY D 27 -11.46 2.89 13.81
CA GLY D 27 -12.38 3.45 14.81
C GLY D 27 -13.41 2.48 15.38
N GLU D 28 -13.67 2.63 16.68
CA GLU D 28 -14.70 1.92 17.42
C GLU D 28 -15.47 2.97 18.17
N THR D 29 -16.79 2.89 18.18
CA THR D 29 -17.57 3.81 18.98
C THR D 29 -18.88 3.22 19.49
N LEU D 30 -19.32 3.69 20.65
CA LEU D 30 -20.62 3.34 21.23
C LEU D 30 -21.61 4.47 20.99
N ASN D 31 -21.16 5.51 20.28
CA ASN D 31 -21.97 6.73 20.03
C ASN D 31 -22.02 7.16 18.56
N ALA D 32 -22.03 6.17 17.67
CA ALA D 32 -22.22 6.43 16.27
C ALA D 32 -23.63 6.99 16.06
N ILE D 33 -23.78 7.82 15.04
CA ILE D 33 -25.08 8.41 14.68
C ILE D 33 -25.43 7.93 13.27
N GLU D 34 -26.64 7.41 13.12
CA GLU D 34 -27.12 6.90 11.84
C GLU D 34 -27.95 7.97 11.15
N LEU D 35 -27.56 8.33 9.94
CA LEU D 35 -28.24 9.36 9.15
C LEU D 35 -28.91 8.69 7.96
N THR D 36 -30.24 8.81 7.87
CA THR D 36 -31.00 8.29 6.74
C THR D 36 -31.65 9.46 6.05
N GLU D 37 -31.38 9.63 4.76
CA GLU D 37 -31.93 10.69 3.95
C GLU D 37 -32.89 10.08 2.95
N GLY D 38 -34.19 10.30 3.16
CA GLY D 38 -35.20 9.72 2.29
C GLY D 38 -35.22 8.23 2.51
N SER D 39 -35.18 7.48 1.41
CA SER D 39 -35.07 6.02 1.47
C SER D 39 -33.69 5.54 0.99
N ARG D 40 -32.71 6.46 0.97
CA ARG D 40 -31.32 6.10 0.74
C ARG D 40 -30.86 5.15 1.84
N ASP D 41 -29.75 4.49 1.56
CA ASP D 41 -29.13 3.66 2.56
C ASP D 41 -28.55 4.56 3.63
N PRO D 42 -28.74 4.17 4.90
CA PRO D 42 -28.22 4.98 5.98
C PRO D 42 -26.70 5.12 5.96
N VAL D 43 -26.19 6.25 6.42
CA VAL D 43 -24.75 6.50 6.50
C VAL D 43 -24.37 6.62 7.98
N ILE D 44 -23.30 5.96 8.39
CA ILE D 44 -22.90 5.98 9.80
C ILE D 44 -21.85 7.05 10.07
N TYR D 45 -22.11 7.88 11.07
CA TYR D 45 -21.22 8.98 11.42
C TYR D 45 -20.55 8.71 12.77
N PHE D 46 -19.22 8.70 12.77
CA PHE D 46 -18.41 8.39 13.94
C PHE D 46 -17.90 9.66 14.60
N PRO D 47 -18.02 9.76 15.93
CA PRO D 47 -17.38 10.92 16.59
C PRO D 47 -15.85 10.93 16.44
N ARG D 48 -15.31 12.10 16.18
CA ARG D 48 -13.90 12.25 15.84
C ARG D 48 -12.97 11.68 16.90
N GLU D 49 -13.32 11.84 18.16
CA GLU D 49 -12.49 11.42 19.29
C GLU D 49 -12.32 9.91 19.34
N ASP D 50 -13.20 9.20 18.63
CA ASP D 50 -13.17 7.74 18.57
C ASP D 50 -12.55 7.20 17.26
N VAL D 51 -12.00 8.09 16.42
CA VAL D 51 -11.32 7.71 15.19
C VAL D 51 -9.83 8.06 15.26
N ALA D 52 -8.97 7.17 14.75
CA ALA D 52 -7.50 7.35 14.81
C ALA D 52 -7.05 8.40 13.78
N MSE D 53 -7.37 9.65 14.10
CA MSE D 53 -7.14 10.77 13.20
C MSE D 53 -5.66 10.97 12.81
O MSE D 53 -5.35 11.56 11.79
CB MSE D 53 -7.70 12.04 13.82
CG MSE D 53 -9.24 12.05 13.91
SE MSE D 53 -10.17 11.86 12.19
CE MSE D 53 -9.27 13.17 11.20
N VAL D 54 -4.74 10.40 13.58
CA VAL D 54 -3.34 10.50 13.21
C VAL D 54 -3.11 9.99 11.78
N MSE D 55 -3.95 9.07 11.31
CA MSE D 55 -3.79 8.47 9.99
C MSE D 55 -4.50 9.30 8.87
O MSE D 55 -4.57 8.85 7.71
CB MSE D 55 -4.33 7.04 9.99
CG MSE D 55 -3.90 6.19 11.12
SE MSE D 55 -2.00 5.95 11.14
CE MSE D 55 -1.81 4.78 9.50
N PHE D 56 -5.01 10.48 9.20
CA PHE D 56 -5.83 11.27 8.27
C PHE D 56 -5.15 12.54 7.84
N ASP D 57 -5.29 12.92 6.56
CA ASP D 57 -4.81 14.21 6.04
C ASP D 57 -6.00 14.95 5.42
N LYS D 58 -6.27 16.17 5.89
CA LYS D 58 -7.35 16.99 5.34
C LYS D 58 -7.04 17.22 3.87
N SER D 59 -8.07 17.10 3.04
CA SER D 59 -7.93 17.20 1.60
C SER D 59 -8.39 18.58 1.12
N GLU D 60 -8.02 18.92 -0.11
CA GLU D 60 -8.50 20.16 -0.72
C GLU D 60 -9.97 20.04 -1.18
N LYS D 61 -10.44 18.81 -1.44
CA LYS D 61 -11.83 18.58 -1.90
C LYS D 61 -12.87 19.06 -0.88
N VAL D 62 -13.93 19.66 -1.39
CA VAL D 62 -15.11 19.99 -0.61
C VAL D 62 -16.32 19.77 -1.50
N THR D 63 -17.45 19.43 -0.90
CA THR D 63 -18.71 19.31 -1.64
C THR D 63 -19.81 19.99 -0.82
N ALA D 64 -20.76 20.57 -1.52
CA ALA D 64 -21.88 21.27 -0.91
C ALA D 64 -23.10 20.35 -0.97
N CYS D 65 -23.79 20.24 0.15
CA CYS D 65 -25.04 19.53 0.19
C CYS D 65 -26.10 20.50 0.69
N PRO D 66 -27.17 20.72 -0.10
CA PRO D 66 -28.17 21.73 0.30
C PRO D 66 -28.81 21.54 1.69
N LEU D 67 -28.91 20.30 2.16
CA LEU D 67 -29.52 20.02 3.46
C LEU D 67 -28.53 20.07 4.62
N LYS D 68 -27.32 19.55 4.40
CA LYS D 68 -26.34 19.33 5.48
C LYS D 68 -25.29 20.43 5.64
N GLY D 69 -24.85 20.99 4.52
CA GLY D 69 -23.81 22.02 4.50
C GLY D 69 -22.59 21.58 3.70
N GLU D 70 -21.41 22.04 4.12
CA GLU D 70 -20.16 21.75 3.41
C GLU D 70 -19.42 20.54 4.00
N ALA D 71 -19.18 19.55 3.14
CA ALA D 71 -18.44 18.36 3.51
C ALA D 71 -16.94 18.59 3.29
N SER D 72 -16.16 18.46 4.36
CA SER D 72 -14.70 18.44 4.27
C SER D 72 -14.27 17.01 4.09
N TYR D 73 -13.25 16.81 3.26
CA TYR D 73 -12.77 15.47 2.95
C TYR D 73 -11.39 15.21 3.56
N TYR D 74 -11.14 13.92 3.81
CA TYR D 74 -9.87 13.46 4.37
C TYR D 74 -9.37 12.22 3.65
N SER D 75 -8.06 12.16 3.46
CA SER D 75 -7.41 10.97 2.92
C SER D 75 -6.89 10.15 4.09
N ILE D 76 -6.92 8.83 3.96
CA ILE D 76 -6.46 7.95 5.01
C ILE D 76 -5.22 7.22 4.52
N VAL D 77 -4.17 7.20 5.33
CA VAL D 77 -2.91 6.55 4.98
C VAL D 77 -2.87 5.18 5.63
N GLY D 78 -2.41 4.17 4.92
CA GLY D 78 -2.29 2.83 5.47
C GLY D 78 -1.15 2.04 4.85
N ALA D 79 -1.08 0.76 5.19
CA ALA D 79 -0.02 -0.11 4.69
C ALA D 79 0.07 -0.06 3.17
N SER D 80 -1.06 -0.02 2.49
CA SER D 80 -1.06 -0.11 1.03
C SER D 80 -0.93 1.24 0.34
N GLY D 81 -0.99 2.32 1.09
CA GLY D 81 -0.89 3.64 0.52
C GLY D 81 -2.04 4.48 0.97
N THR D 82 -2.29 5.56 0.23
CA THR D 82 -3.32 6.53 0.56
C THR D 82 -4.66 6.15 -0.03
N LEU D 83 -5.70 6.22 0.80
CA LEU D 83 -7.07 6.13 0.33
C LEU D 83 -7.50 7.59 0.19
N LYS D 84 -7.46 8.07 -1.04
CA LYS D 84 -7.69 9.47 -1.32
C LYS D 84 -9.15 9.82 -1.08
N ASP D 85 -9.37 10.88 -0.31
CA ASP D 85 -10.72 11.43 -0.07
C ASP D 85 -11.71 10.36 0.39
N ALA D 86 -11.24 9.41 1.18
CA ALA D 86 -12.03 8.26 1.60
C ALA D 86 -12.94 8.53 2.82
N ALA D 87 -12.85 9.72 3.40
CA ALA D 87 -13.72 10.04 4.53
C ALA D 87 -14.14 11.48 4.44
N TRP D 88 -15.26 11.82 5.06
CA TRP D 88 -15.71 13.20 5.06
C TRP D 88 -16.37 13.57 6.37
N SER D 89 -16.55 14.88 6.57
CA SER D 89 -17.19 15.39 7.75
C SER D 89 -17.85 16.72 7.48
N TYR D 90 -19.02 16.91 8.06
CA TYR D 90 -19.70 18.19 8.06
C TYR D 90 -19.26 18.90 9.35
N GLU D 91 -18.23 19.73 9.22
CA GLU D 91 -17.60 20.37 10.36
C GLU D 91 -18.37 21.56 10.89
N SER D 92 -19.23 22.14 10.04
CA SER D 92 -20.13 23.23 10.43
C SER D 92 -21.52 22.98 9.83
N PRO D 93 -22.26 22.02 10.39
CA PRO D 93 -23.46 21.58 9.73
C PRO D 93 -24.57 22.62 9.76
N LYS D 94 -25.47 22.52 8.79
CA LYS D 94 -26.65 23.36 8.71
C LYS D 94 -27.58 23.07 9.88
N GLU D 95 -28.53 23.99 10.10
CA GLU D 95 -29.41 23.93 11.27
C GLU D 95 -30.19 22.62 11.32
N GLY D 96 -30.23 22.00 12.50
CA GLY D 96 -30.93 20.73 12.68
C GLY D 96 -29.99 19.54 12.67
N LEU D 97 -28.80 19.70 12.11
CA LEU D 97 -27.85 18.60 11.96
C LEU D 97 -26.60 18.78 12.83
N GLU D 98 -26.68 19.58 13.89
CA GLU D 98 -25.50 19.87 14.72
C GLU D 98 -24.95 18.63 15.46
N ALA D 99 -25.79 17.62 15.64
CA ALA D 99 -25.43 16.41 16.34
C ALA D 99 -24.26 15.70 15.67
N ILE D 100 -24.11 15.85 14.35
CA ILE D 100 -23.00 15.21 13.61
C ILE D 100 -21.84 16.18 13.27
N ALA D 101 -21.78 17.33 13.94
CA ALA D 101 -20.74 18.31 13.69
C ALA D 101 -19.40 17.70 13.99
N GLY D 102 -18.53 17.65 13.00
CA GLY D 102 -17.18 17.11 13.18
C GLY D 102 -17.05 15.60 13.08
N TYR D 103 -18.17 14.89 13.01
CA TYR D 103 -18.13 13.44 12.92
C TYR D 103 -17.66 13.01 11.54
N LEU D 104 -17.02 11.84 11.46
CA LEU D 104 -16.52 11.29 10.19
C LEU D 104 -17.45 10.19 9.64
N ALA D 105 -17.68 10.19 8.32
CA ALA D 105 -18.35 9.05 7.63
C ALA D 105 -17.38 8.57 6.57
N PHE D 106 -17.62 7.38 6.02
CA PHE D 106 -16.60 6.72 5.18
C PHE D 106 -17.10 6.10 3.88
N ALA D 107 -16.28 6.23 2.83
CA ALA D 107 -16.57 5.66 1.50
C ALA D 107 -16.50 4.12 1.57
N PRO D 108 -17.61 3.45 1.22
CA PRO D 108 -17.63 1.98 1.30
C PRO D 108 -16.79 1.24 0.25
N ASP D 109 -16.35 1.94 -0.79
CA ASP D 109 -15.53 1.30 -1.83
C ASP D 109 -14.19 0.82 -1.30
N CYS D 110 -13.72 1.37 -0.19
CA CYS D 110 -12.42 0.97 0.36
C CYS D 110 -12.34 0.92 1.89
N THR D 111 -13.49 1.02 2.54
CA THR D 111 -13.59 0.81 3.97
C THR D 111 -14.78 -0.09 4.24
N LYS D 112 -14.78 -0.69 5.42
CA LYS D 112 -15.94 -1.39 5.91
C LYS D 112 -16.38 -0.78 7.23
N VAL D 113 -17.68 -0.57 7.34
CA VAL D 113 -18.33 -0.05 8.52
C VAL D 113 -19.41 -1.06 8.91
N GLY D 114 -19.61 -1.25 10.20
CA GLY D 114 -20.61 -2.21 10.67
C GLY D 114 -20.65 -2.39 12.17
N GLN D 115 -21.73 -3.00 12.65
CA GLN D 115 -21.91 -3.23 14.06
C GLN D 115 -21.14 -4.47 14.46
N TYR D 116 -20.52 -4.41 15.63
CA TYR D 116 -19.72 -5.55 16.17
C TYR D 116 -20.65 -6.64 16.67
N HIS E 7 21.87 -28.45 -2.66
CA HIS E 7 22.95 -27.41 -2.66
C HIS E 7 22.49 -25.93 -2.93
N ILE E 8 21.29 -25.77 -3.49
CA ILE E 8 20.52 -24.52 -3.52
C ILE E 8 19.18 -24.67 -2.78
N ARG E 9 18.90 -23.77 -1.83
CA ARG E 9 17.61 -23.73 -1.13
C ARG E 9 16.77 -22.53 -1.60
N LEU E 10 15.48 -22.77 -1.85
CA LEU E 10 14.51 -21.72 -2.17
C LEU E 10 13.45 -21.62 -1.09
N ARG E 11 13.26 -20.43 -0.51
CA ARG E 11 12.20 -20.21 0.48
C ARG E 11 11.37 -19.01 0.09
N LYS E 12 10.15 -18.95 0.58
CA LYS E 12 9.33 -17.77 0.42
C LYS E 12 9.89 -16.72 1.37
N ALA E 13 10.22 -15.53 0.86
CA ALA E 13 10.69 -14.44 1.71
C ALA E 13 9.50 -13.88 2.49
N GLU E 14 9.57 -13.90 3.81
CA GLU E 14 8.41 -13.54 4.62
C GLU E 14 8.17 -12.02 4.66
N GLY E 15 6.90 -11.62 4.57
CA GLY E 15 6.54 -10.22 4.67
C GLY E 15 6.71 -9.46 3.37
N LYS E 16 6.77 -8.14 3.47
CA LYS E 16 6.85 -7.25 2.33
C LYS E 16 8.33 -6.95 2.07
N TRP E 17 8.76 -7.21 0.85
CA TRP E 17 10.15 -6.94 0.43
C TRP E 17 10.22 -5.82 -0.61
N VAL E 18 11.19 -4.95 -0.45
CA VAL E 18 11.34 -3.79 -1.32
C VAL E 18 12.68 -3.80 -2.02
N ILE E 19 12.66 -3.27 -3.24
CA ILE E 19 13.89 -2.99 -3.99
C ILE E 19 13.84 -1.52 -4.37
N ARG E 20 14.90 -0.80 -4.09
CA ARG E 20 14.96 0.64 -4.41
C ARG E 20 16.40 1.08 -4.68
N THR E 21 16.50 2.31 -5.17
CA THR E 21 17.76 3.02 -5.36
C THR E 21 17.73 4.07 -4.26
N ASP E 22 18.69 4.99 -4.29
CA ASP E 22 18.71 6.09 -3.34
C ASP E 22 17.66 7.16 -3.66
N SER E 23 16.95 7.03 -4.79
CA SER E 23 15.99 8.09 -5.17
C SER E 23 14.60 7.63 -5.68
N ALA E 24 14.39 6.32 -5.85
CA ALA E 24 13.12 5.82 -6.33
C ALA E 24 12.89 4.41 -5.81
N VAL E 25 11.62 4.03 -5.72
CA VAL E 25 11.23 2.67 -5.35
C VAL E 25 10.89 1.88 -6.62
N LEU E 26 11.64 0.80 -6.86
CA LEU E 26 11.47 0.02 -8.08
C LEU E 26 10.58 -1.19 -7.92
N GLY E 27 10.35 -1.64 -6.69
CA GLY E 27 9.50 -2.82 -6.47
C GLY E 27 9.13 -3.10 -5.02
N GLU E 28 7.89 -3.56 -4.83
CA GLU E 28 7.37 -4.05 -3.55
C GLU E 28 6.73 -5.38 -3.84
N THR E 29 6.99 -6.40 -3.02
CA THR E 29 6.33 -7.69 -3.23
C THR E 29 6.08 -8.45 -1.94
N LEU E 30 5.00 -9.23 -1.93
CA LEU E 30 4.70 -10.13 -0.83
C LEU E 30 5.09 -11.56 -1.22
N ASN E 31 5.69 -11.71 -2.41
CA ASN E 31 6.03 -13.03 -2.95
C ASN E 31 7.45 -13.14 -3.44
N ALA E 32 8.35 -12.48 -2.74
CA ALA E 32 9.76 -12.60 -3.03
C ALA E 32 10.22 -14.02 -2.70
N ILE E 33 11.19 -14.53 -3.44
CA ILE E 33 11.76 -15.85 -3.17
C ILE E 33 13.22 -15.66 -2.76
N GLU E 34 13.61 -16.31 -1.67
CA GLU E 34 14.98 -16.22 -1.18
C GLU E 34 15.77 -17.43 -1.65
N LEU E 35 16.88 -17.18 -2.35
CA LEU E 35 17.74 -18.24 -2.86
C LEU E 35 19.08 -18.25 -2.13
N THR E 36 19.38 -19.37 -1.48
CA THR E 36 20.65 -19.51 -0.77
C THR E 36 21.41 -20.63 -1.46
N GLU E 37 22.63 -20.35 -1.89
CA GLU E 37 23.51 -21.33 -2.52
C GLU E 37 24.69 -21.61 -1.58
N GLY E 38 24.70 -22.81 -0.98
CA GLY E 38 25.71 -23.18 -0.02
C GLY E 38 25.92 -22.14 1.08
N SER E 39 27.12 -21.56 1.09
CA SER E 39 27.57 -20.66 2.14
C SER E 39 27.45 -19.19 1.78
N ARG E 40 27.08 -18.88 0.55
CA ARG E 40 27.06 -17.46 0.17
C ARG E 40 25.78 -16.77 0.64
N ASP E 41 25.83 -15.44 0.68
CA ASP E 41 24.71 -14.63 1.16
C ASP E 41 23.48 -14.90 0.29
N PRO E 42 22.29 -14.95 0.93
CA PRO E 42 21.05 -15.21 0.19
C PRO E 42 20.80 -14.10 -0.81
N VAL E 43 20.16 -14.43 -1.93
CA VAL E 43 19.83 -13.44 -2.96
C VAL E 43 18.31 -13.41 -3.08
N ILE E 44 17.71 -12.22 -3.09
CA ILE E 44 16.25 -12.10 -3.14
C ILE E 44 15.76 -11.93 -4.58
N TYR E 45 14.78 -12.74 -4.96
CA TYR E 45 14.22 -12.70 -6.30
C TYR E 45 12.82 -12.12 -6.28
N PHE E 46 12.59 -11.08 -7.06
CA PHE E 46 11.31 -10.39 -7.15
C PHE E 46 10.50 -10.81 -8.36
N PRO E 47 9.22 -11.12 -8.17
CA PRO E 47 8.42 -11.36 -9.36
C PRO E 47 8.33 -10.14 -10.26
N ARG E 48 8.41 -10.36 -11.56
CA ARG E 48 8.48 -9.29 -12.55
C ARG E 48 7.29 -8.34 -12.48
N GLU E 49 6.12 -8.89 -12.25
CA GLU E 49 4.88 -8.14 -12.24
C GLU E 49 4.85 -7.11 -11.10
N ASP E 50 5.75 -7.28 -10.13
CA ASP E 50 5.83 -6.34 -9.00
C ASP E 50 6.98 -5.36 -9.09
N VAL E 51 7.71 -5.39 -10.20
CA VAL E 51 8.80 -4.46 -10.43
C VAL E 51 8.41 -3.47 -11.53
N ALA E 52 8.91 -2.23 -11.44
CA ALA E 52 8.56 -1.15 -12.40
C ALA E 52 9.42 -1.26 -13.65
N MSE E 53 9.13 -2.30 -14.43
CA MSE E 53 9.92 -2.66 -15.60
C MSE E 53 10.04 -1.55 -16.63
O MSE E 53 10.98 -1.56 -17.42
CB MSE E 53 9.33 -3.92 -16.24
CG MSE E 53 9.43 -5.11 -15.29
SE MSE E 53 11.27 -5.49 -14.89
CE MSE E 53 11.79 -6.11 -16.67
N VAL E 54 9.13 -0.57 -16.62
CA VAL E 54 9.25 0.56 -17.56
C VAL E 54 10.59 1.25 -17.46
N MSE E 55 11.27 1.17 -16.31
CA MSE E 55 12.59 1.79 -16.16
C MSE E 55 13.76 0.86 -16.55
O MSE E 55 14.92 1.20 -16.33
CB MSE E 55 12.80 2.23 -14.70
CG MSE E 55 11.65 2.95 -14.05
SE MSE E 55 11.28 4.63 -14.93
CE MSE E 55 12.91 5.57 -14.32
N PHE E 56 13.49 -0.31 -17.12
CA PHE E 56 14.56 -1.32 -17.37
C PHE E 56 14.82 -1.53 -18.86
N ASP E 57 16.08 -1.67 -19.25
CA ASP E 57 16.45 -1.98 -20.65
C ASP E 57 17.25 -3.28 -20.67
N LYS E 58 16.77 -4.29 -21.40
CA LYS E 58 17.46 -5.58 -21.52
C LYS E 58 18.83 -5.31 -22.12
N SER E 59 19.85 -5.92 -21.53
CA SER E 59 21.22 -5.70 -21.90
C SER E 59 21.74 -6.82 -22.83
N GLU E 60 22.88 -6.59 -23.46
CA GLU E 60 23.56 -7.60 -24.24
C GLU E 60 24.20 -8.66 -23.35
N LYS E 61 24.59 -8.28 -22.13
CA LYS E 61 25.29 -9.18 -21.22
C LYS E 61 24.47 -10.43 -20.86
N VAL E 62 25.16 -11.58 -20.84
CA VAL E 62 24.59 -12.80 -20.27
C VAL E 62 25.70 -13.53 -19.48
N THR E 63 25.31 -14.29 -18.49
CA THR E 63 26.26 -15.15 -17.79
C THR E 63 25.67 -16.53 -17.62
N ALA E 64 26.53 -17.53 -17.62
CA ALA E 64 26.09 -18.92 -17.47
C ALA E 64 26.38 -19.41 -16.05
N CYS E 65 25.43 -20.12 -15.46
CA CYS E 65 25.64 -20.76 -14.16
C CYS E 65 25.30 -22.25 -14.24
N PRO E 66 26.27 -23.13 -13.90
CA PRO E 66 26.03 -24.57 -14.06
C PRO E 66 24.75 -25.09 -13.38
N LEU E 67 24.34 -24.48 -12.27
CA LEU E 67 23.15 -24.91 -11.54
C LEU E 67 21.82 -24.22 -11.97
N LYS E 68 21.87 -22.93 -12.29
CA LYS E 68 20.64 -22.14 -12.53
C LYS E 68 20.27 -21.93 -14.00
N GLY E 69 21.28 -21.83 -14.86
CA GLY E 69 21.08 -21.59 -16.29
C GLY E 69 21.65 -20.26 -16.73
N GLU E 70 21.01 -19.64 -17.71
CA GLU E 70 21.51 -18.40 -18.27
C GLU E 70 20.82 -17.15 -17.68
N ALA E 71 21.64 -16.27 -17.11
CA ALA E 71 21.16 -15.01 -16.53
C ALA E 71 21.14 -13.92 -17.59
N SER E 72 19.96 -13.35 -17.82
CA SER E 72 19.83 -12.18 -18.66
C SER E 72 20.00 -10.98 -17.76
N TYR E 73 20.60 -9.93 -18.27
CA TYR E 73 20.85 -8.73 -17.48
C TYR E 73 20.00 -7.56 -17.98
N TYR E 74 19.77 -6.61 -17.08
CA TYR E 74 19.01 -5.42 -17.37
C TYR E 74 19.66 -4.20 -16.77
N SER E 75 19.61 -3.07 -17.48
CA SER E 75 20.08 -1.77 -16.96
C SER E 75 18.86 -0.99 -16.47
N ILE E 76 19.02 -0.23 -15.40
CA ILE E 76 17.93 0.52 -14.81
C ILE E 76 18.24 1.98 -14.99
N VAL E 77 17.29 2.76 -15.49
CA VAL E 77 17.46 4.19 -15.69
C VAL E 77 16.82 4.89 -14.49
N GLY E 78 17.47 5.95 -14.02
CA GLY E 78 16.99 6.74 -12.89
C GLY E 78 17.43 8.18 -13.00
N ALA E 79 17.11 8.98 -11.99
CA ALA E 79 17.40 10.41 -11.95
C ALA E 79 18.87 10.69 -12.19
N SER E 80 19.73 9.81 -11.70
CA SER E 80 21.17 10.01 -11.85
C SER E 80 21.78 9.42 -13.09
N GLY E 81 21.03 8.64 -13.84
CA GLY E 81 21.58 8.01 -15.02
C GLY E 81 21.34 6.53 -15.00
N THR E 82 22.05 5.83 -15.85
CA THR E 82 21.88 4.42 -16.03
C THR E 82 22.66 3.62 -15.02
N LEU E 83 22.00 2.64 -14.39
CA LEU E 83 22.67 1.65 -13.58
C LEU E 83 22.88 0.47 -14.47
N LYS E 84 24.07 0.38 -15.05
CA LYS E 84 24.38 -0.59 -16.10
C LYS E 84 24.35 -2.01 -15.56
N ASP E 85 23.57 -2.88 -16.18
CA ASP E 85 23.55 -4.32 -15.82
C ASP E 85 23.34 -4.56 -14.34
N ALA E 86 22.50 -3.72 -13.72
CA ALA E 86 22.26 -3.73 -12.28
C ALA E 86 21.26 -4.79 -11.82
N ALA E 87 20.55 -5.41 -12.76
CA ALA E 87 19.57 -6.45 -12.41
C ALA E 87 19.69 -7.66 -13.33
N TRP E 88 19.29 -8.82 -12.86
CA TRP E 88 19.33 -9.99 -13.73
C TRP E 88 18.15 -10.89 -13.49
N SER E 89 17.94 -11.82 -14.41
CA SER E 89 16.89 -12.78 -14.31
C SER E 89 17.23 -14.06 -15.06
N TYR E 90 16.90 -15.18 -14.44
CA TYR E 90 16.99 -16.48 -15.08
C TYR E 90 15.63 -16.71 -15.72
N GLU E 91 15.55 -16.37 -16.99
CA GLU E 91 14.28 -16.35 -17.68
C GLU E 91 13.88 -17.73 -18.14
N SER E 92 14.83 -18.66 -18.22
CA SER E 92 14.56 -20.08 -18.56
C SER E 92 15.37 -20.97 -17.66
N PRO E 93 15.01 -21.04 -16.38
CA PRO E 93 15.89 -21.69 -15.42
C PRO E 93 15.99 -23.19 -15.62
N LYS E 94 17.11 -23.75 -15.15
CA LYS E 94 17.37 -25.18 -15.19
C LYS E 94 16.40 -25.91 -14.28
N GLU E 95 16.32 -27.23 -14.43
CA GLU E 95 15.35 -28.06 -13.72
C GLU E 95 15.50 -27.92 -12.20
N GLY E 96 14.38 -27.69 -11.52
CA GLY E 96 14.36 -27.51 -10.07
C GLY E 96 14.23 -26.06 -9.63
N LEU E 97 14.57 -25.13 -10.53
CA LEU E 97 14.56 -23.71 -10.20
C LEU E 97 13.46 -22.91 -10.92
N GLU E 98 12.42 -23.59 -11.40
CA GLU E 98 11.38 -22.94 -12.20
C GLU E 98 10.60 -21.89 -11.42
N ALA E 99 10.64 -21.99 -10.09
CA ALA E 99 9.94 -21.04 -9.21
C ALA E 99 10.38 -19.58 -9.42
N ILE E 100 11.65 -19.38 -9.80
CA ILE E 100 12.19 -18.03 -10.02
C ILE E 100 12.26 -17.62 -11.51
N ALA E 101 11.55 -18.35 -12.37
CA ALA E 101 11.56 -18.06 -13.78
C ALA E 101 11.06 -16.64 -14.02
N GLY E 102 11.91 -15.80 -14.62
CA GLY E 102 11.50 -14.44 -14.95
C GLY E 102 11.65 -13.44 -13.81
N TYR E 103 11.96 -13.92 -12.61
CA TYR E 103 12.09 -13.03 -11.46
C TYR E 103 13.38 -12.23 -11.56
N LEU E 104 13.38 -11.02 -11.01
CA LEU E 104 14.55 -10.16 -11.03
C LEU E 104 15.27 -10.16 -9.68
N ALA E 105 16.61 -10.14 -9.74
CA ALA E 105 17.48 -9.95 -8.57
C ALA E 105 18.37 -8.75 -8.88
N PHE E 106 18.99 -8.17 -7.84
CA PHE E 106 19.64 -6.87 -7.98
C PHE E 106 21.04 -6.72 -7.37
N ALA E 107 21.91 -6.04 -8.09
CA ALA E 107 23.26 -5.77 -7.62
C ALA E 107 23.23 -4.80 -6.43
N PRO E 108 23.80 -5.21 -5.29
CA PRO E 108 23.78 -4.41 -4.07
C PRO E 108 24.67 -3.15 -4.10
N ASP E 109 25.61 -3.10 -5.04
CA ASP E 109 26.51 -1.93 -5.14
C ASP E 109 25.74 -0.65 -5.44
N CYS E 110 24.55 -0.76 -6.01
CA CYS E 110 23.77 0.44 -6.37
C CYS E 110 22.25 0.34 -6.19
N THR E 111 21.79 -0.71 -5.52
CA THR E 111 20.41 -0.83 -5.12
C THR E 111 20.40 -1.29 -3.66
N LYS E 112 19.26 -1.09 -2.99
CA LYS E 112 19.03 -1.66 -1.68
C LYS E 112 17.78 -2.54 -1.73
N VAL E 113 17.90 -3.72 -1.14
CA VAL E 113 16.85 -4.70 -1.07
C VAL E 113 16.68 -5.02 0.41
N GLY E 114 15.44 -5.18 0.86
CA GLY E 114 15.20 -5.43 2.28
C GLY E 114 13.74 -5.62 2.64
N GLN E 115 13.50 -6.22 3.79
CA GLN E 115 12.15 -6.43 4.28
C GLN E 115 11.66 -5.14 4.92
N TYR E 116 10.40 -4.82 4.64
CA TYR E 116 9.76 -3.61 5.18
C TYR E 116 9.48 -3.78 6.66
C1 EDO F . 3.88 -2.99 -11.52
O1 EDO F . 3.41 -3.56 -10.30
C2 EDO F . 5.04 -2.05 -11.24
O2 EDO F . 4.52 -0.74 -10.95
C1 EDO G . -3.67 -16.26 19.61
O1 EDO G . -2.87 -17.32 19.08
C2 EDO G . -3.73 -16.28 21.15
O2 EDO G . -3.64 -17.60 21.69
C1 EDO H . 6.12 -1.28 9.49
O1 EDO H . 5.40 -2.54 9.54
C2 EDO H . 5.18 -0.09 9.52
O2 EDO H . 4.91 0.17 10.90
C1 EDO I . 9.04 -2.26 10.98
O1 EDO I . 8.63 -2.48 9.63
C2 EDO I . 9.25 -3.62 11.60
O2 EDO I . 10.55 -4.07 11.22
C1 EDO J . 6.30 -0.45 -8.34
O1 EDO J . 5.34 0.61 -8.43
C2 EDO J . 7.05 -0.37 -7.01
O2 EDO J . 6.49 0.69 -6.26
#